data_1SH8
#
_entry.id   1SH8
#
_cell.length_a   56.608
_cell.length_b   72.231
_cell.length_c   91.051
_cell.angle_alpha   90.00
_cell.angle_beta   90.00
_cell.angle_gamma   90.00
#
_symmetry.space_group_name_H-M   'P 21 21 21'
#
loop_
_entity.id
_entity.type
_entity.pdbx_description
1 polymer 'hypothetical protein PA5026'
2 water water
#
_entity_poly.entity_id   1
_entity_poly.type   'polypeptide(L)'
_entity_poly.pdbx_seq_one_letter_code
;GHMPLPTELARHLTEEKIAFVQRSGLRAEVLEPGYVRLRMPGAGNENHIGSMYAGALFTLAELPGGALFLTSFDSARFYP
IVKEMTLRFRRPAKGDIRVEARLDAERIRQLETEAGERGKAEYSLELQLTDEQGEVVAESAALYQLRSHARPGS
;
_entity_poly.pdbx_strand_id   A,B
#
# COMPACT_ATOMS: atom_id res chain seq x y z
N HIS A 2 8.57 -22.19 -21.34
CA HIS A 2 7.75 -21.40 -22.30
C HIS A 2 7.10 -20.20 -21.60
N MET A 3 6.54 -19.29 -22.40
CA MET A 3 5.88 -18.09 -21.88
C MET A 3 4.37 -18.25 -21.93
N PRO A 4 3.68 -18.05 -20.78
CA PRO A 4 2.23 -18.18 -20.77
C PRO A 4 1.54 -17.03 -21.51
N LEU A 5 2.28 -15.93 -21.72
CA LEU A 5 1.76 -14.76 -22.43
C LEU A 5 2.86 -14.09 -23.23
N PRO A 6 2.52 -13.49 -24.39
CA PRO A 6 3.53 -12.81 -25.20
C PRO A 6 3.90 -11.52 -24.45
N THR A 7 5.10 -11.02 -24.67
CA THR A 7 5.59 -9.85 -23.95
C THR A 7 4.79 -8.54 -23.95
N GLU A 8 4.37 -8.07 -25.12
CA GLU A 8 3.62 -6.82 -25.17
C GLU A 8 2.31 -6.90 -24.40
N LEU A 9 1.61 -8.02 -24.53
CA LEU A 9 0.36 -8.23 -23.84
C LEU A 9 0.61 -8.28 -22.33
N ALA A 10 1.68 -8.97 -21.92
CA ALA A 10 2.00 -9.08 -20.50
C ALA A 10 2.29 -7.69 -19.93
N ARG A 11 3.01 -6.87 -20.70
CA ARG A 11 3.34 -5.52 -20.27
C ARG A 11 2.06 -4.67 -20.18
N HIS A 12 1.19 -4.80 -21.18
CA HIS A 12 -0.05 -4.03 -21.17
C HIS A 12 -0.89 -4.38 -19.95
N LEU A 13 -1.03 -5.68 -19.66
CA LEU A 13 -1.82 -6.12 -18.51
C LEU A 13 -1.19 -5.64 -17.20
N THR A 14 0.13 -5.75 -17.08
CA THR A 14 0.83 -5.33 -15.88
C THR A 14 0.63 -3.85 -15.59
N GLU A 15 0.77 -3.02 -16.62
CA GLU A 15 0.65 -1.58 -16.46
C GLU A 15 -0.77 -1.03 -16.49
N GLU A 16 -1.67 -1.71 -17.18
CA GLU A 16 -3.03 -1.18 -17.31
C GLU A 16 -4.25 -1.97 -16.85
N LYS A 17 -4.10 -3.22 -16.44
CA LYS A 17 -5.29 -3.95 -16.02
C LYS A 17 -5.96 -3.30 -14.81
N ILE A 18 -5.15 -2.80 -13.88
CA ILE A 18 -5.68 -2.15 -12.68
C ILE A 18 -5.53 -0.63 -12.85
N ALA A 19 -6.66 0.06 -12.94
CA ALA A 19 -6.68 1.51 -13.14
C ALA A 19 -5.86 2.30 -12.11
N PHE A 20 -5.94 1.89 -10.85
CA PHE A 20 -5.21 2.54 -9.77
C PHE A 20 -3.72 2.54 -10.13
N VAL A 21 -3.25 1.42 -10.67
CA VAL A 21 -1.86 1.26 -11.06
C VAL A 21 -1.56 2.07 -12.31
N GLN A 22 -2.46 2.00 -13.29
CA GLN A 22 -2.29 2.75 -14.52
C GLN A 22 -2.12 4.24 -14.24
N ARG A 23 -2.94 4.79 -13.35
CA ARG A 23 -2.88 6.21 -13.00
C ARG A 23 -1.57 6.65 -12.38
N SER A 24 -0.84 5.70 -11.77
CA SER A 24 0.44 6.03 -11.14
C SER A 24 1.59 6.13 -12.15
N GLY A 25 1.37 5.61 -13.35
CA GLY A 25 2.41 5.67 -14.37
C GLY A 25 3.46 4.57 -14.27
N LEU A 26 3.19 3.56 -13.46
CA LEU A 26 4.12 2.46 -13.29
C LEU A 26 4.46 1.83 -14.64
N ARG A 27 5.74 1.55 -14.85
CA ARG A 27 6.20 0.95 -16.10
C ARG A 27 6.97 -0.35 -15.86
N ALA A 28 6.77 -1.31 -16.75
CA ALA A 28 7.46 -2.59 -16.64
C ALA A 28 8.70 -2.50 -17.52
N GLU A 29 9.87 -2.76 -16.96
CA GLU A 29 11.10 -2.71 -17.74
C GLU A 29 11.39 -4.09 -18.32
N VAL A 30 11.18 -5.12 -17.51
CA VAL A 30 11.40 -6.50 -17.95
C VAL A 30 10.29 -7.39 -17.39
N LEU A 31 9.73 -8.24 -18.25
CA LEU A 31 8.67 -9.18 -17.86
C LEU A 31 8.93 -10.50 -18.55
N GLU A 32 9.41 -11.48 -17.79
CA GLU A 32 9.70 -12.80 -18.34
C GLU A 32 9.32 -13.86 -17.31
N PRO A 33 9.17 -15.11 -17.74
CA PRO A 33 8.81 -16.15 -16.77
C PRO A 33 9.86 -16.13 -15.65
N GLY A 34 9.40 -16.04 -14.40
CA GLY A 34 10.32 -16.06 -13.27
C GLY A 34 11.10 -14.79 -12.97
N TYR A 35 10.93 -13.73 -13.75
CA TYR A 35 11.67 -12.48 -13.50
C TYR A 35 10.97 -11.24 -14.01
N VAL A 36 10.83 -10.24 -13.14
CA VAL A 36 10.21 -8.98 -13.53
C VAL A 36 10.96 -7.82 -12.91
N ARG A 37 10.93 -6.67 -13.59
CA ARG A 37 11.56 -5.45 -13.09
C ARG A 37 10.61 -4.31 -13.44
N LEU A 38 10.18 -3.58 -12.42
CA LEU A 38 9.25 -2.47 -12.61
C LEU A 38 9.86 -1.16 -12.16
N ARG A 39 9.30 -0.06 -12.67
CA ARG A 39 9.77 1.28 -12.33
C ARG A 39 8.59 2.21 -12.02
N MET A 40 8.66 2.93 -10.92
CA MET A 40 7.61 3.88 -10.59
C MET A 40 8.21 5.27 -10.77
N PRO A 41 7.63 6.08 -11.68
CA PRO A 41 8.18 7.42 -11.88
C PRO A 41 7.99 8.31 -10.66
N GLY A 42 8.97 9.17 -10.40
CA GLY A 42 8.88 10.06 -9.26
C GLY A 42 7.86 11.14 -9.55
N ALA A 43 7.84 11.57 -10.80
CA ALA A 43 6.91 12.63 -11.23
C ALA A 43 5.46 12.21 -11.12
N GLY A 44 4.68 13.00 -10.37
CA GLY A 44 3.27 12.71 -10.19
C GLY A 44 2.95 11.85 -8.98
N ASN A 45 3.98 11.26 -8.38
CA ASN A 45 3.81 10.40 -7.22
C ASN A 45 4.46 10.96 -5.96
N GLU A 46 4.71 12.28 -5.96
CA GLU A 46 5.34 12.93 -4.82
C GLU A 46 4.37 13.15 -3.66
N ASN A 47 4.89 13.13 -2.44
CA ASN A 47 4.05 13.39 -1.27
C ASN A 47 4.15 14.90 -1.08
N HIS A 48 3.78 15.38 0.10
CA HIS A 48 3.82 16.81 0.37
C HIS A 48 5.20 17.30 0.81
N ILE A 49 6.08 16.36 1.13
CA ILE A 49 7.41 16.71 1.63
C ILE A 49 8.64 16.39 0.77
N GLY A 50 8.47 16.44 -0.55
CA GLY A 50 9.60 16.21 -1.44
C GLY A 50 10.09 14.82 -1.80
N SER A 51 9.34 13.77 -1.50
CA SER A 51 9.76 12.41 -1.86
C SER A 51 8.54 11.59 -2.29
N MET A 52 8.76 10.35 -2.72
CA MET A 52 7.66 9.52 -3.19
C MET A 52 6.67 9.20 -2.09
N TYR A 53 5.39 9.33 -2.41
CA TYR A 53 4.33 9.04 -1.45
C TYR A 53 4.37 7.56 -1.09
N ALA A 54 4.16 7.26 0.18
CA ALA A 54 4.17 5.87 0.68
C ALA A 54 3.30 4.92 -0.13
N GLY A 55 2.14 5.39 -0.58
CA GLY A 55 1.23 4.57 -1.35
C GLY A 55 1.80 4.16 -2.69
N ALA A 56 2.62 5.04 -3.28
CA ALA A 56 3.26 4.73 -4.56
C ALA A 56 4.34 3.68 -4.31
N LEU A 57 5.08 3.82 -3.21
CA LEU A 57 6.12 2.85 -2.87
C LEU A 57 5.46 1.49 -2.64
N PHE A 58 4.33 1.48 -1.95
CA PHE A 58 3.63 0.22 -1.69
C PHE A 58 3.21 -0.45 -2.99
N THR A 59 2.64 0.34 -3.90
CA THR A 59 2.18 -0.20 -5.17
C THR A 59 3.33 -0.81 -5.95
N LEU A 60 4.48 -0.12 -5.98
CA LEU A 60 5.65 -0.64 -6.69
C LEU A 60 6.12 -1.95 -6.07
N ALA A 61 6.15 -2.01 -4.74
CA ALA A 61 6.62 -3.20 -4.03
C ALA A 61 5.64 -4.37 -4.09
N GLU A 62 4.35 -4.07 -4.18
CA GLU A 62 3.31 -5.08 -4.20
C GLU A 62 3.04 -5.74 -5.56
N LEU A 63 3.09 -4.94 -6.62
CA LEU A 63 2.78 -5.42 -7.97
C LEU A 63 3.60 -6.59 -8.50
N PRO A 64 4.88 -6.73 -8.07
CA PRO A 64 5.65 -7.87 -8.59
C PRO A 64 4.96 -9.21 -8.39
N GLY A 65 4.13 -9.32 -7.35
CA GLY A 65 3.42 -10.57 -7.12
C GLY A 65 2.49 -10.88 -8.28
N GLY A 66 1.79 -9.85 -8.75
CA GLY A 66 0.90 -10.03 -9.87
C GLY A 66 1.65 -10.10 -11.19
N ALA A 67 2.72 -9.33 -11.34
CA ALA A 67 3.50 -9.35 -12.58
C ALA A 67 4.14 -10.72 -12.80
N LEU A 68 4.72 -11.30 -11.76
CA LEU A 68 5.33 -12.64 -11.86
C LEU A 68 4.25 -13.67 -12.22
N PHE A 69 3.05 -13.48 -11.68
CA PHE A 69 1.93 -14.36 -11.98
C PHE A 69 1.62 -14.30 -13.47
N LEU A 70 1.56 -13.09 -14.01
CA LEU A 70 1.28 -12.90 -15.44
C LEU A 70 2.35 -13.49 -16.36
N THR A 71 3.61 -13.45 -15.92
CA THR A 71 4.68 -13.99 -16.76
C THR A 71 5.01 -15.45 -16.51
N SER A 72 4.56 -15.99 -15.37
CA SER A 72 4.93 -17.35 -15.03
C SER A 72 3.85 -18.43 -14.96
N PHE A 73 2.59 -18.02 -14.80
CA PHE A 73 1.52 -18.99 -14.69
C PHE A 73 0.42 -18.81 -15.72
N ASP A 74 -0.45 -19.82 -15.81
CA ASP A 74 -1.61 -19.79 -16.71
C ASP A 74 -2.49 -18.75 -16.03
N SER A 75 -2.52 -17.54 -16.58
CA SER A 75 -3.27 -16.45 -15.97
C SER A 75 -4.78 -16.42 -16.17
N ALA A 76 -5.33 -17.50 -16.73
CA ALA A 76 -6.77 -17.60 -16.90
C ALA A 76 -7.23 -18.70 -15.94
N ARG A 77 -6.40 -19.73 -15.80
CA ARG A 77 -6.71 -20.85 -14.91
C ARG A 77 -6.58 -20.45 -13.44
N PHE A 78 -5.60 -19.60 -13.14
CA PHE A 78 -5.34 -19.13 -11.78
C PHE A 78 -5.43 -17.62 -11.69
N TYR A 79 -5.43 -17.12 -10.45
CA TYR A 79 -5.41 -15.70 -10.20
C TYR A 79 -4.65 -15.54 -8.90
N PRO A 80 -3.94 -14.41 -8.74
CA PRO A 80 -3.17 -14.19 -7.51
C PRO A 80 -3.90 -13.24 -6.57
N ILE A 81 -3.59 -13.35 -5.28
CA ILE A 81 -4.12 -12.43 -4.29
C ILE A 81 -3.01 -12.21 -3.28
N VAL A 82 -2.94 -11.02 -2.72
CA VAL A 82 -1.92 -10.74 -1.71
C VAL A 82 -2.62 -10.98 -0.36
N LYS A 83 -1.96 -11.73 0.52
CA LYS A 83 -2.53 -12.03 1.84
C LYS A 83 -2.09 -11.06 2.92
N GLU A 84 -0.79 -10.78 2.95
CA GLU A 84 -0.25 -9.83 3.91
C GLU A 84 1.07 -9.29 3.41
N MET A 85 1.42 -8.11 3.87
CA MET A 85 2.65 -7.47 3.40
C MET A 85 3.15 -6.43 4.39
N THR A 86 4.46 -6.41 4.56
CA THR A 86 5.12 -5.46 5.43
C THR A 86 6.02 -4.62 4.52
N LEU A 87 5.96 -3.30 4.70
CA LEU A 87 6.78 -2.37 3.91
C LEU A 87 7.58 -1.52 4.89
N ARG A 88 8.91 -1.61 4.81
CA ARG A 88 9.78 -0.85 5.72
C ARG A 88 10.42 0.31 4.97
N PHE A 89 10.26 1.52 5.48
CA PHE A 89 10.80 2.71 4.84
C PHE A 89 12.19 3.01 5.39
N ARG A 90 13.17 3.06 4.49
CA ARG A 90 14.56 3.30 4.88
C ARG A 90 15.04 4.73 4.71
N ARG A 91 14.67 5.37 3.61
CA ARG A 91 15.07 6.74 3.35
C ARG A 91 14.16 7.41 2.32
N PRO A 92 14.08 8.75 2.34
CA PRO A 92 13.22 9.45 1.37
C PRO A 92 13.52 8.97 -0.04
N ALA A 93 12.47 8.60 -0.78
CA ALA A 93 12.63 8.10 -2.14
C ALA A 93 12.51 9.23 -3.14
N LYS A 94 13.65 9.64 -3.71
CA LYS A 94 13.68 10.73 -4.67
C LYS A 94 13.93 10.20 -6.08
N GLY A 95 13.26 10.80 -7.06
CA GLY A 95 13.42 10.37 -8.43
C GLY A 95 12.65 9.10 -8.71
N ASP A 96 13.01 8.42 -9.80
CA ASP A 96 12.35 7.17 -10.18
C ASP A 96 12.85 6.04 -9.29
N ILE A 97 11.92 5.16 -8.89
CA ILE A 97 12.24 4.04 -8.02
C ILE A 97 11.95 2.74 -8.75
N ARG A 98 12.79 1.72 -8.54
CA ARG A 98 12.61 0.44 -9.19
C ARG A 98 12.62 -0.73 -8.23
N VAL A 99 12.17 -1.87 -8.73
CA VAL A 99 12.15 -3.10 -7.97
C VAL A 99 12.24 -4.26 -8.95
N GLU A 100 12.88 -5.34 -8.52
CA GLU A 100 12.93 -6.53 -9.34
C GLU A 100 12.60 -7.71 -8.43
N ALA A 101 12.03 -8.75 -9.01
CA ALA A 101 11.63 -9.92 -8.24
C ALA A 101 11.74 -11.14 -9.11
N ARG A 102 11.99 -12.30 -8.50
CA ARG A 102 12.11 -13.52 -9.27
C ARG A 102 11.53 -14.75 -8.57
N LEU A 103 11.26 -15.77 -9.38
CA LEU A 103 10.76 -17.08 -8.93
C LEU A 103 11.53 -18.07 -9.76
N ASP A 104 12.24 -19.00 -9.13
CA ASP A 104 13.00 -19.97 -9.93
C ASP A 104 12.07 -20.97 -10.64
N ALA A 105 12.58 -21.57 -11.71
CA ALA A 105 11.82 -22.52 -12.51
C ALA A 105 11.17 -23.62 -11.68
N GLU A 106 11.94 -24.16 -10.73
CA GLU A 106 11.45 -25.23 -9.88
C GLU A 106 10.29 -24.77 -8.99
N ARG A 107 10.40 -23.58 -8.43
CA ARG A 107 9.32 -23.04 -7.58
C ARG A 107 8.05 -22.84 -8.40
N ILE A 108 8.21 -22.39 -9.63
CA ILE A 108 7.05 -22.17 -10.50
C ILE A 108 6.33 -23.50 -10.70
N ARG A 109 7.09 -24.57 -10.95
CA ARG A 109 6.50 -25.89 -11.13
C ARG A 109 5.79 -26.36 -9.86
N GLN A 110 6.43 -26.18 -8.71
CA GLN A 110 5.83 -26.58 -7.44
C GLN A 110 4.52 -25.86 -7.20
N LEU A 111 4.53 -24.54 -7.43
CA LEU A 111 3.34 -23.72 -7.21
C LEU A 111 2.16 -24.10 -8.10
N GLU A 112 2.40 -24.28 -9.39
CA GLU A 112 1.30 -24.63 -10.30
C GLU A 112 0.75 -26.01 -9.98
N THR A 113 1.64 -26.92 -9.59
CA THR A 113 1.22 -28.27 -9.25
C THR A 113 0.32 -28.24 -8.03
N GLU A 114 0.80 -27.60 -6.96
CA GLU A 114 0.03 -27.49 -5.72
C GLU A 114 -1.27 -26.70 -5.90
N ALA A 115 -1.23 -25.61 -6.66
CA ALA A 115 -2.43 -24.81 -6.88
C ALA A 115 -3.41 -25.63 -7.73
N GLY A 116 -2.88 -26.42 -8.65
CA GLY A 116 -3.73 -27.24 -9.48
C GLY A 116 -4.37 -28.37 -8.71
N GLU A 117 -3.60 -29.03 -7.86
CA GLU A 117 -4.10 -30.16 -7.08
C GLU A 117 -4.89 -29.78 -5.83
N ARG A 118 -4.50 -28.69 -5.18
CA ARG A 118 -5.18 -28.28 -3.96
C ARG A 118 -6.03 -27.02 -4.05
N GLY A 119 -5.95 -26.34 -5.19
CA GLY A 119 -6.74 -25.13 -5.37
C GLY A 119 -6.03 -23.85 -4.99
N LYS A 120 -4.95 -23.95 -4.23
CA LYS A 120 -4.19 -22.77 -3.82
C LYS A 120 -2.77 -23.13 -3.41
N ALA A 121 -1.87 -22.17 -3.54
CA ALA A 121 -0.45 -22.34 -3.19
C ALA A 121 0.10 -20.97 -2.83
N GLU A 122 0.91 -20.90 -1.79
CA GLU A 122 1.48 -19.62 -1.37
C GLU A 122 2.91 -19.41 -1.85
N TYR A 123 3.24 -18.16 -2.13
CA TYR A 123 4.61 -17.80 -2.50
C TYR A 123 4.88 -16.45 -1.86
N SER A 124 6.10 -16.25 -1.39
CA SER A 124 6.47 -14.99 -0.77
C SER A 124 7.56 -14.28 -1.54
N LEU A 125 7.65 -12.97 -1.37
CA LEU A 125 8.67 -12.16 -2.02
C LEU A 125 9.23 -11.18 -0.99
N GLU A 126 10.55 -11.07 -0.96
CA GLU A 126 11.25 -10.15 -0.06
C GLU A 126 12.07 -9.29 -1.00
N LEU A 127 11.59 -8.06 -1.21
CA LEU A 127 12.20 -7.16 -2.18
C LEU A 127 12.78 -5.86 -1.64
N GLN A 128 13.64 -5.26 -2.47
CA GLN A 128 14.26 -3.99 -2.16
C GLN A 128 13.88 -3.01 -3.27
N LEU A 129 13.50 -1.80 -2.89
CA LEU A 129 13.17 -0.76 -3.85
C LEU A 129 14.38 0.15 -3.85
N THR A 130 14.87 0.51 -5.03
CA THR A 130 16.07 1.34 -5.11
C THR A 130 15.88 2.59 -5.95
N ASP A 131 16.65 3.63 -5.65
CA ASP A 131 16.57 4.85 -6.44
C ASP A 131 17.62 4.80 -7.56
N GLU A 132 17.72 5.87 -8.33
CA GLU A 132 18.64 5.94 -9.46
C GLU A 132 20.12 5.72 -9.14
N GLN A 133 20.47 5.84 -7.86
CA GLN A 133 21.85 5.66 -7.40
C GLN A 133 22.02 4.28 -6.77
N GLY A 134 20.97 3.47 -6.82
CA GLY A 134 21.04 2.13 -6.25
C GLY A 134 20.86 2.09 -4.75
N GLU A 135 20.49 3.23 -4.14
CA GLU A 135 20.25 3.26 -2.70
C GLU A 135 18.92 2.58 -2.40
N VAL A 136 18.90 1.78 -1.34
CA VAL A 136 17.68 1.08 -0.94
C VAL A 136 16.79 2.05 -0.16
N VAL A 137 15.66 2.43 -0.75
CA VAL A 137 14.77 3.38 -0.10
C VAL A 137 13.68 2.72 0.74
N ALA A 138 13.37 1.46 0.43
CA ALA A 138 12.35 0.72 1.16
C ALA A 138 12.55 -0.77 0.90
N GLU A 139 12.08 -1.60 1.82
CA GLU A 139 12.19 -3.04 1.70
C GLU A 139 10.87 -3.66 2.11
N SER A 140 10.41 -4.63 1.32
CA SER A 140 9.14 -5.29 1.60
C SER A 140 9.22 -6.81 1.74
N ALA A 141 8.23 -7.37 2.40
CA ALA A 141 8.10 -8.81 2.59
C ALA A 141 6.61 -9.06 2.41
N ALA A 142 6.25 -9.94 1.47
CA ALA A 142 4.84 -10.19 1.21
C ALA A 142 4.50 -11.66 0.95
N LEU A 143 3.27 -12.02 1.31
CA LEU A 143 2.76 -13.37 1.11
C LEU A 143 1.62 -13.31 0.12
N TYR A 144 1.74 -14.10 -0.95
CA TYR A 144 0.73 -14.17 -2.00
C TYR A 144 0.19 -15.58 -2.07
N GLN A 145 -0.97 -15.71 -2.69
CA GLN A 145 -1.58 -17.00 -2.87
C GLN A 145 -1.94 -17.11 -4.34
N LEU A 146 -1.61 -18.24 -4.96
CA LEU A 146 -1.96 -18.51 -6.36
C LEU A 146 -3.20 -19.38 -6.18
N ARG A 147 -4.33 -18.94 -6.73
CA ARG A 147 -5.57 -19.70 -6.55
C ARG A 147 -6.23 -20.07 -7.87
N SER A 148 -6.88 -21.23 -7.89
CA SER A 148 -7.59 -21.63 -9.09
C SER A 148 -9.01 -21.08 -8.96
N HIS A 149 -9.65 -20.83 -10.09
CA HIS A 149 -11.02 -20.33 -10.05
C HIS A 149 -11.93 -21.48 -9.65
N ALA A 150 -12.88 -21.21 -8.76
CA ALA A 150 -13.81 -22.24 -8.33
C ALA A 150 -14.90 -22.37 -9.38
N ARG A 151 -15.54 -23.53 -9.42
CA ARG A 151 -16.61 -23.76 -10.38
C ARG A 151 -17.83 -22.98 -9.88
N PRO A 152 -18.45 -22.18 -10.76
CA PRO A 152 -19.63 -21.40 -10.34
C PRO A 152 -20.74 -22.27 -9.75
N GLY A 153 -21.28 -21.85 -8.61
CA GLY A 153 -22.35 -22.60 -7.98
C GLY A 153 -21.88 -23.67 -7.00
N SER A 154 -20.57 -23.90 -6.93
CA SER A 154 -20.03 -24.90 -6.03
C SER A 154 -19.78 -24.33 -4.64
N GLY B 1 1.71 24.74 19.19
CA GLY B 1 0.50 24.35 19.99
C GLY B 1 -0.24 23.17 19.40
N HIS B 2 -1.44 22.91 19.91
CA HIS B 2 -2.26 21.80 19.44
C HIS B 2 -3.52 22.23 18.73
N MET B 3 -3.59 23.50 18.32
CA MET B 3 -4.78 23.98 17.62
C MET B 3 -4.77 23.45 16.19
N PRO B 4 -5.69 22.54 15.86
CA PRO B 4 -5.74 21.98 14.50
C PRO B 4 -6.20 23.01 13.46
N LEU B 5 -5.87 22.75 12.20
CA LEU B 5 -6.29 23.65 11.14
C LEU B 5 -7.80 23.64 11.04
N PRO B 6 -8.41 24.74 10.58
CA PRO B 6 -9.87 24.74 10.47
C PRO B 6 -10.30 23.52 9.65
N THR B 7 -11.23 22.75 10.20
CA THR B 7 -11.74 21.52 9.60
C THR B 7 -11.95 21.48 8.09
N GLU B 8 -12.92 22.25 7.60
CA GLU B 8 -13.20 22.27 6.17
C GLU B 8 -11.94 22.43 5.32
N LEU B 9 -11.01 23.26 5.80
CA LEU B 9 -9.76 23.49 5.09
C LEU B 9 -8.88 22.22 5.13
N ALA B 10 -8.82 21.59 6.32
CA ALA B 10 -8.03 20.38 6.51
C ALA B 10 -8.54 19.21 5.68
N ARG B 11 -9.84 19.17 5.43
CA ARG B 11 -10.41 18.10 4.63
C ARG B 11 -9.90 18.22 3.20
N HIS B 12 -9.93 19.43 2.66
CA HIS B 12 -9.44 19.64 1.30
C HIS B 12 -7.97 19.28 1.21
N LEU B 13 -7.21 19.64 2.25
CA LEU B 13 -5.78 19.33 2.30
C LEU B 13 -5.57 17.83 2.20
N THR B 14 -6.24 17.09 3.09
CA THR B 14 -6.17 15.62 3.17
C THR B 14 -6.50 14.91 1.86
N GLU B 15 -7.56 15.38 1.21
CA GLU B 15 -8.02 14.77 -0.03
C GLU B 15 -7.33 15.24 -1.30
N GLU B 16 -6.73 16.44 -1.27
CA GLU B 16 -6.14 17.01 -2.47
C GLU B 16 -4.65 17.32 -2.52
N LYS B 17 -4.01 17.53 -1.37
CA LYS B 17 -2.59 17.87 -1.34
C LYS B 17 -1.68 16.94 -2.15
N ILE B 18 -1.89 15.63 -1.99
CA ILE B 18 -1.09 14.63 -2.68
C ILE B 18 -1.86 14.12 -3.89
N ALA B 19 -1.35 14.39 -5.09
CA ALA B 19 -2.02 13.98 -6.32
C ALA B 19 -2.38 12.50 -6.37
N PHE B 20 -1.46 11.65 -5.92
CA PHE B 20 -1.67 10.20 -5.89
C PHE B 20 -2.95 9.89 -5.10
N VAL B 21 -3.12 10.57 -3.97
CA VAL B 21 -4.29 10.38 -3.13
C VAL B 21 -5.52 11.01 -3.79
N GLN B 22 -5.38 12.22 -4.32
CA GLN B 22 -6.49 12.92 -4.98
C GLN B 22 -7.10 12.07 -6.12
N ARG B 23 -6.24 11.42 -6.91
CA ARG B 23 -6.69 10.58 -8.02
C ARG B 23 -7.48 9.33 -7.57
N SER B 24 -7.33 8.95 -6.31
CA SER B 24 -8.05 7.77 -5.81
C SER B 24 -9.47 8.09 -5.35
N GLY B 25 -9.76 9.37 -5.14
CA GLY B 25 -11.10 9.76 -4.71
C GLY B 25 -11.32 9.67 -3.22
N LEU B 26 -10.23 9.47 -2.48
CA LEU B 26 -10.28 9.37 -1.02
C LEU B 26 -11.01 10.57 -0.42
N ARG B 27 -11.92 10.32 0.51
CA ARG B 27 -12.66 11.40 1.16
C ARG B 27 -12.51 11.35 2.68
N ALA B 28 -12.48 12.52 3.31
CA ALA B 28 -12.37 12.62 4.76
C ALA B 28 -13.78 12.81 5.32
N GLU B 29 -14.22 11.89 6.19
CA GLU B 29 -15.55 12.00 6.77
C GLU B 29 -15.47 12.77 8.09
N VAL B 30 -14.43 12.50 8.88
CA VAL B 30 -14.22 13.18 10.15
C VAL B 30 -12.74 13.45 10.40
N LEU B 31 -12.41 14.70 10.72
CA LEU B 31 -11.04 15.07 11.02
C LEU B 31 -11.06 15.85 12.34
N GLU B 32 -10.93 15.14 13.45
CA GLU B 32 -10.94 15.75 14.77
C GLU B 32 -9.69 15.40 15.55
N PRO B 33 -9.40 16.15 16.62
CA PRO B 33 -8.22 15.81 17.41
C PRO B 33 -8.50 14.44 18.02
N GLY B 34 -7.57 13.50 17.89
CA GLY B 34 -7.77 12.17 18.46
C GLY B 34 -8.69 11.22 17.71
N TYR B 35 -9.29 11.69 16.61
CA TYR B 35 -10.20 10.83 15.84
C TYR B 35 -10.36 11.25 14.40
N VAL B 36 -10.03 10.35 13.47
CA VAL B 36 -10.18 10.62 12.05
C VAL B 36 -10.91 9.44 11.41
N ARG B 37 -11.76 9.74 10.44
CA ARG B 37 -12.48 8.70 9.72
C ARG B 37 -12.43 9.06 8.25
N LEU B 38 -11.92 8.13 7.45
CA LEU B 38 -11.78 8.33 6.02
C LEU B 38 -12.54 7.27 5.23
N ARG B 39 -12.83 7.59 3.98
CA ARG B 39 -13.54 6.67 3.08
C ARG B 39 -12.84 6.59 1.74
N MET B 40 -12.57 5.36 1.28
CA MET B 40 -11.96 5.19 -0.03
C MET B 40 -13.08 4.59 -0.89
N PRO B 41 -13.48 5.29 -1.95
CA PRO B 41 -14.55 4.74 -2.79
C PRO B 41 -14.11 3.50 -3.55
N GLY B 42 -15.04 2.58 -3.76
CA GLY B 42 -14.72 1.37 -4.49
C GLY B 42 -14.52 1.68 -5.96
N ALA B 43 -15.37 2.57 -6.48
CA ALA B 43 -15.32 2.95 -7.89
C ALA B 43 -13.98 3.53 -8.30
N GLY B 44 -13.37 2.94 -9.33
CA GLY B 44 -12.08 3.40 -9.82
C GLY B 44 -10.88 2.78 -9.13
N ASN B 45 -11.13 2.08 -8.02
CA ASN B 45 -10.05 1.47 -7.25
C ASN B 45 -10.07 -0.05 -7.25
N GLU B 46 -10.83 -0.63 -8.17
CA GLU B 46 -10.96 -2.08 -8.29
C GLU B 46 -9.69 -2.73 -8.83
N ASN B 47 -9.45 -3.98 -8.42
CA ASN B 47 -8.30 -4.71 -8.91
C ASN B 47 -8.70 -5.63 -10.06
N HIS B 48 -7.94 -6.70 -10.24
CA HIS B 48 -8.15 -7.68 -11.30
C HIS B 48 -9.25 -8.69 -11.01
N ILE B 49 -9.76 -8.72 -9.79
CA ILE B 49 -10.80 -9.69 -9.42
C ILE B 49 -12.06 -9.14 -8.75
N GLY B 50 -12.45 -7.92 -9.11
CA GLY B 50 -13.67 -7.35 -8.56
C GLY B 50 -13.69 -6.82 -7.13
N SER B 51 -12.53 -6.50 -6.57
CA SER B 51 -12.49 -5.95 -5.22
C SER B 51 -11.46 -4.83 -5.18
N MET B 52 -11.38 -4.10 -4.07
CA MET B 52 -10.43 -2.99 -3.98
C MET B 52 -8.97 -3.44 -4.09
N TYR B 53 -8.20 -2.75 -4.91
CA TYR B 53 -6.80 -3.05 -5.10
C TYR B 53 -6.05 -2.84 -3.77
N ALA B 54 -5.10 -3.72 -3.49
CA ALA B 54 -4.32 -3.64 -2.25
C ALA B 54 -3.69 -2.27 -2.03
N GLY B 55 -3.24 -1.62 -3.10
CA GLY B 55 -2.62 -0.31 -2.98
C GLY B 55 -3.59 0.77 -2.51
N ALA B 56 -4.87 0.63 -2.86
CA ALA B 56 -5.88 1.60 -2.45
C ALA B 56 -6.18 1.37 -0.97
N LEU B 57 -6.23 0.10 -0.56
CA LEU B 57 -6.47 -0.22 0.85
C LEU B 57 -5.29 0.30 1.67
N PHE B 58 -4.08 0.15 1.14
CA PHE B 58 -2.90 0.65 1.85
C PHE B 58 -2.99 2.15 2.05
N THR B 59 -3.36 2.86 0.98
CA THR B 59 -3.46 4.31 1.02
C THR B 59 -4.48 4.74 2.09
N LEU B 60 -5.60 4.03 2.14
CA LEU B 60 -6.64 4.32 3.14
C LEU B 60 -6.10 4.14 4.55
N ALA B 61 -5.27 3.11 4.74
CA ALA B 61 -4.69 2.83 6.05
C ALA B 61 -3.55 3.76 6.42
N GLU B 62 -2.83 4.26 5.42
CA GLU B 62 -1.68 5.14 5.63
C GLU B 62 -2.04 6.58 5.98
N LEU B 63 -3.02 7.15 5.28
CA LEU B 63 -3.43 8.53 5.49
C LEU B 63 -3.79 8.96 6.90
N PRO B 64 -4.46 8.09 7.68
CA PRO B 64 -4.81 8.49 9.04
C PRO B 64 -3.58 8.86 9.86
N GLY B 65 -2.43 8.28 9.49
CA GLY B 65 -1.20 8.57 10.20
C GLY B 65 -0.88 10.06 10.15
N GLY B 66 -0.90 10.62 8.95
CA GLY B 66 -0.61 12.03 8.80
C GLY B 66 -1.76 12.92 9.25
N ALA B 67 -3.00 12.53 8.92
CA ALA B 67 -4.18 13.31 9.28
C ALA B 67 -4.33 13.43 10.79
N LEU B 68 -4.20 12.31 11.50
CA LEU B 68 -4.32 12.30 12.94
C LEU B 68 -3.16 13.06 13.59
N PHE B 69 -1.98 13.02 12.98
CA PHE B 69 -0.84 13.76 13.54
C PHE B 69 -1.19 15.26 13.54
N LEU B 70 -1.67 15.74 12.39
CA LEU B 70 -2.02 17.15 12.25
C LEU B 70 -3.15 17.65 13.14
N THR B 71 -4.09 16.77 13.49
CA THR B 71 -5.20 17.19 14.35
C THR B 71 -4.90 17.00 15.83
N SER B 72 -3.90 16.18 16.13
CA SER B 72 -3.60 15.83 17.52
C SER B 72 -2.28 16.24 18.16
N PHE B 73 -1.22 16.31 17.36
CA PHE B 73 0.09 16.67 17.88
C PHE B 73 0.46 18.13 17.67
N ASP B 74 1.49 18.56 18.39
CA ASP B 74 2.01 19.92 18.27
C ASP B 74 2.99 19.82 17.11
N SER B 75 2.53 20.18 15.90
CA SER B 75 3.38 20.11 14.71
C SER B 75 4.46 21.19 14.64
N ALA B 76 4.34 22.20 15.48
CA ALA B 76 5.34 23.26 15.47
C ALA B 76 6.55 22.79 16.27
N ARG B 77 6.32 21.82 17.15
CA ARG B 77 7.36 21.30 18.01
C ARG B 77 7.85 19.90 17.60
N PHE B 78 6.96 19.10 17.00
CA PHE B 78 7.31 17.74 16.60
C PHE B 78 6.92 17.42 15.16
N TYR B 79 7.40 16.28 14.68
CA TYR B 79 7.07 15.79 13.33
C TYR B 79 7.14 14.27 13.38
N PRO B 80 6.33 13.59 12.56
CA PRO B 80 6.32 12.13 12.55
C PRO B 80 7.17 11.47 11.46
N ILE B 81 7.64 10.27 11.76
CA ILE B 81 8.41 9.48 10.81
C ILE B 81 7.81 8.08 10.84
N VAL B 82 7.39 7.60 9.66
CA VAL B 82 6.82 6.26 9.58
C VAL B 82 7.98 5.29 9.34
N LYS B 83 8.12 4.30 10.21
CA LYS B 83 9.19 3.33 10.09
C LYS B 83 8.78 2.18 9.18
N GLU B 84 7.57 1.68 9.40
CA GLU B 84 7.07 0.59 8.59
C GLU B 84 5.58 0.41 8.80
N MET B 85 4.96 -0.31 7.86
CA MET B 85 3.54 -0.59 7.91
C MET B 85 3.29 -2.02 7.45
N THR B 86 2.38 -2.69 8.14
CA THR B 86 2.02 -4.06 7.78
C THR B 86 0.53 -4.09 7.52
N LEU B 87 0.15 -4.72 6.42
CA LEU B 87 -1.25 -4.87 6.05
C LEU B 87 -1.60 -6.33 5.98
N ARG B 88 -2.78 -6.67 6.49
CA ARG B 88 -3.27 -8.03 6.45
C ARG B 88 -4.59 -7.92 5.70
N PHE B 89 -4.68 -8.61 4.57
CA PHE B 89 -5.88 -8.59 3.74
C PHE B 89 -6.70 -9.82 4.09
N ARG B 90 -7.74 -9.58 4.90
CA ARG B 90 -8.61 -10.63 5.40
C ARG B 90 -9.71 -11.12 4.47
N ARG B 91 -10.40 -10.21 3.80
CA ARG B 91 -11.48 -10.58 2.91
C ARG B 91 -11.57 -9.63 1.71
N PRO B 92 -12.20 -10.07 0.62
CA PRO B 92 -12.32 -9.21 -0.56
C PRO B 92 -13.03 -7.92 -0.14
N ALA B 93 -12.44 -6.78 -0.50
CA ALA B 93 -13.01 -5.48 -0.14
C ALA B 93 -13.91 -4.98 -1.26
N LYS B 94 -15.22 -5.08 -1.03
CA LYS B 94 -16.19 -4.65 -2.02
C LYS B 94 -16.92 -3.39 -1.57
N GLY B 95 -17.21 -2.51 -2.52
CA GLY B 95 -17.89 -1.26 -2.20
C GLY B 95 -16.95 -0.26 -1.57
N ASP B 96 -17.51 0.79 -0.98
CA ASP B 96 -16.68 1.81 -0.32
C ASP B 96 -16.14 1.23 0.98
N ILE B 97 -14.87 1.54 1.26
CA ILE B 97 -14.21 1.04 2.46
C ILE B 97 -13.84 2.22 3.36
N ARG B 98 -14.02 2.03 4.66
CA ARG B 98 -13.73 3.10 5.62
C ARG B 98 -12.74 2.68 6.69
N VAL B 99 -12.18 3.68 7.38
CA VAL B 99 -11.22 3.42 8.46
C VAL B 99 -11.35 4.50 9.52
N GLU B 100 -11.19 4.09 10.78
CA GLU B 100 -11.23 5.00 11.92
C GLU B 100 -9.89 4.87 12.62
N ALA B 101 -9.35 5.99 13.09
CA ALA B 101 -8.07 5.98 13.80
C ALA B 101 -8.20 6.91 15.00
N ARG B 102 -7.75 6.46 16.16
CA ARG B 102 -7.83 7.26 17.38
C ARG B 102 -6.52 7.29 18.15
N LEU B 103 -6.34 8.37 18.92
CA LEU B 103 -5.18 8.58 19.78
C LEU B 103 -5.63 9.67 20.75
N ASP B 104 -6.03 9.28 21.97
CA ASP B 104 -6.49 10.27 22.94
C ASP B 104 -5.43 11.28 23.38
N ALA B 105 -5.88 12.43 23.85
CA ALA B 105 -4.99 13.51 24.28
C ALA B 105 -4.00 13.06 25.35
N GLU B 106 -4.41 12.16 26.23
CA GLU B 106 -3.54 11.68 27.28
C GLU B 106 -2.34 10.97 26.66
N ARG B 107 -2.60 10.12 25.66
CA ARG B 107 -1.54 9.39 24.97
C ARG B 107 -0.61 10.36 24.27
N ILE B 108 -1.19 11.41 23.68
CA ILE B 108 -0.40 12.41 22.97
C ILE B 108 0.53 13.12 23.95
N ARG B 109 0.02 13.41 25.14
CA ARG B 109 0.82 14.09 26.16
C ARG B 109 2.01 13.22 26.58
N GLN B 110 1.76 11.94 26.84
CA GLN B 110 2.81 11.01 27.23
C GLN B 110 3.88 10.97 26.15
N LEU B 111 3.46 10.74 24.91
CA LEU B 111 4.37 10.66 23.77
C LEU B 111 5.19 11.93 23.57
N GLU B 112 4.55 13.09 23.62
CA GLU B 112 5.27 14.33 23.44
C GLU B 112 6.20 14.63 24.61
N THR B 113 5.85 14.14 25.79
CA THR B 113 6.68 14.35 26.96
C THR B 113 7.97 13.58 26.71
N GLU B 114 7.82 12.32 26.31
CA GLU B 114 8.96 11.46 26.03
C GLU B 114 9.78 12.00 24.86
N ALA B 115 9.11 12.41 23.79
CA ALA B 115 9.79 12.95 22.63
C ALA B 115 10.56 14.21 23.00
N GLY B 116 9.95 15.05 23.83
CA GLY B 116 10.59 16.28 24.25
C GLY B 116 11.83 16.03 25.09
N GLU B 117 11.70 15.13 26.07
CA GLU B 117 12.81 14.79 26.95
C GLU B 117 13.94 14.02 26.28
N ARG B 118 13.59 12.95 25.59
CA ARG B 118 14.57 12.08 24.93
C ARG B 118 14.85 12.38 23.46
N GLY B 119 14.10 13.32 22.89
CA GLY B 119 14.32 13.66 21.49
C GLY B 119 13.45 12.87 20.53
N LYS B 120 12.89 11.76 21.01
CA LYS B 120 12.04 10.93 20.17
C LYS B 120 11.21 9.95 21.01
N ALA B 121 10.09 9.52 20.44
CA ALA B 121 9.20 8.56 21.09
C ALA B 121 8.60 7.70 20.00
N GLU B 122 8.33 6.44 20.32
CA GLU B 122 7.76 5.53 19.35
C GLU B 122 6.30 5.24 19.68
N TYR B 123 5.48 5.13 18.64
CA TYR B 123 4.06 4.84 18.81
C TYR B 123 3.54 4.17 17.56
N SER B 124 2.36 3.57 17.65
CA SER B 124 1.82 2.89 16.49
C SER B 124 0.33 3.06 16.36
N LEU B 125 -0.19 2.69 15.19
CA LEU B 125 -1.60 2.75 14.92
C LEU B 125 -1.98 1.39 14.35
N GLU B 126 -2.96 0.75 14.99
CA GLU B 126 -3.44 -0.55 14.55
C GLU B 126 -4.88 -0.30 14.17
N LEU B 127 -5.15 -0.33 12.86
CA LEU B 127 -6.47 -0.02 12.33
C LEU B 127 -7.19 -1.18 11.64
N GLN B 128 -8.50 -1.03 11.52
CA GLN B 128 -9.34 -2.01 10.85
C GLN B 128 -10.06 -1.28 9.72
N LEU B 129 -9.94 -1.82 8.50
CA LEU B 129 -10.61 -1.22 7.35
C LEU B 129 -11.89 -2.02 7.21
N THR B 130 -13.01 -1.31 7.13
CA THR B 130 -14.31 -1.95 7.06
C THR B 130 -15.15 -1.64 5.83
N ASP B 131 -15.97 -2.61 5.42
CA ASP B 131 -16.84 -2.41 4.28
C ASP B 131 -18.20 -1.89 4.78
N GLU B 132 -19.10 -1.66 3.83
CA GLU B 132 -20.42 -1.13 4.09
C GLU B 132 -21.27 -1.90 5.11
N GLN B 133 -21.01 -3.20 5.26
CA GLN B 133 -21.76 -4.01 6.21
C GLN B 133 -21.06 -4.09 7.56
N GLY B 134 -19.96 -3.35 7.70
CA GLY B 134 -19.23 -3.33 8.95
C GLY B 134 -18.20 -4.44 9.09
N GLU B 135 -18.01 -5.22 8.03
CA GLU B 135 -17.05 -6.32 8.08
C GLU B 135 -15.62 -5.81 7.90
N VAL B 136 -14.69 -6.39 8.66
CA VAL B 136 -13.28 -6.01 8.58
C VAL B 136 -12.65 -6.71 7.38
N VAL B 137 -12.30 -5.94 6.35
CA VAL B 137 -11.70 -6.50 5.15
C VAL B 137 -10.17 -6.52 5.21
N ALA B 138 -9.60 -5.66 6.04
CA ALA B 138 -8.15 -5.59 6.18
C ALA B 138 -7.78 -4.93 7.49
N GLU B 139 -6.58 -5.24 7.96
CA GLU B 139 -6.07 -4.67 9.19
C GLU B 139 -4.68 -4.15 8.94
N SER B 140 -4.34 -3.03 9.56
CA SER B 140 -3.02 -2.45 9.37
C SER B 140 -2.39 -2.14 10.71
N ALA B 141 -1.07 -2.14 10.71
CA ALA B 141 -0.27 -1.83 11.89
C ALA B 141 0.84 -0.93 11.35
N ALA B 142 0.94 0.28 11.89
CA ALA B 142 1.96 1.21 11.45
C ALA B 142 2.82 1.63 12.62
N LEU B 143 4.13 1.59 12.43
CA LEU B 143 5.08 1.97 13.46
C LEU B 143 5.60 3.37 13.14
N TYR B 144 5.39 4.30 14.07
CA TYR B 144 5.84 5.68 13.90
C TYR B 144 6.84 6.10 14.96
N GLN B 145 7.60 7.13 14.63
CA GLN B 145 8.56 7.69 15.56
C GLN B 145 8.27 9.18 15.65
N LEU B 146 7.91 9.64 16.86
CA LEU B 146 7.65 11.06 17.05
C LEU B 146 9.01 11.72 17.26
N ARG B 147 9.32 12.71 16.45
CA ARG B 147 10.60 13.41 16.53
C ARG B 147 10.41 14.89 16.84
N SER B 148 11.26 15.43 17.69
CA SER B 148 11.18 16.85 18.03
C SER B 148 12.12 17.63 17.12
N HIS B 149 11.70 18.82 16.72
CA HIS B 149 12.53 19.66 15.86
C HIS B 149 13.70 20.22 16.67
#